data_1F75
#
_entry.id   1F75
#
_cell.length_a   127.197
_cell.length_b   60.161
_cell.length_c   75.703
_cell.angle_alpha   90.00
_cell.angle_beta   105.69
_cell.angle_gamma   90.00
#
_symmetry.space_group_name_H-M   'C 1 2 1'
#
loop_
_entity.id
_entity.type
_entity.pdbx_description
1 polymer 'UNDECAPRENYL PYROPHOSPHATE SYNTHETASE'
2 non-polymer 'SULFATE ION'
3 water water
#
_entity_poly.entity_id   1
_entity_poly.type   'polypeptide(L)'
_entity_poly.pdbx_seq_one_letter_code
;MFPIKKRKAIKNNNINAAQIPKHIAIIMDGNGRWAKQKKMPRIKGHYEGMQTVRKITRYASDLGVKYLTLYAFSTENWSR
PKDEVNYLMKLPGDFLNTFLPELIEKNVKVETIGFIDDLPDHTKKAVLEAKEKTKHNTGLTLVFALNYGGRKEIISAVQL
IAERYKSGEISLDEISETHFNEYLFTANMPDPELLIRTSGEERLSNFLIWQCSYSEFVFIDEFWPDFNEESLAQCISIYQ
NRHRRFGGL
;
_entity_poly.pdbx_strand_id   A,B
#
loop_
_chem_comp.id
_chem_comp.type
_chem_comp.name
_chem_comp.formula
SO4 non-polymer 'SULFATE ION' 'O4 S -2'
#
# COMPACT_ATOMS: atom_id res chain seq x y z
N ASN A 14 14.64 20.74 9.87
CA ASN A 14 13.16 20.56 9.86
C ASN A 14 12.45 21.89 9.61
N ILE A 15 11.91 22.05 8.39
CA ILE A 15 11.20 23.28 8.02
C ILE A 15 9.74 23.28 8.47
N ASN A 16 9.48 24.13 9.47
CA ASN A 16 8.17 24.29 10.08
C ASN A 16 7.15 24.92 9.13
N ALA A 17 7.65 25.52 8.04
CA ALA A 17 6.78 26.19 7.06
C ALA A 17 5.78 25.25 6.39
N ALA A 18 5.33 25.61 5.18
CA ALA A 18 4.35 24.82 4.42
C ALA A 18 4.86 23.41 4.07
N GLN A 19 5.80 22.94 4.86
CA GLN A 19 6.40 21.63 4.65
C GLN A 19 5.88 20.63 5.66
N ILE A 20 4.92 21.06 6.48
CA ILE A 20 4.33 20.17 7.47
C ILE A 20 3.15 19.46 6.85
N PRO A 21 3.17 18.12 6.86
CA PRO A 21 2.12 17.25 6.29
C PRO A 21 0.78 17.55 6.95
N LYS A 22 -0.28 17.56 6.15
CA LYS A 22 -1.61 17.82 6.68
C LYS A 22 -2.17 16.58 7.36
N HIS A 23 -1.86 15.42 6.80
CA HIS A 23 -2.36 14.14 7.30
C HIS A 23 -1.25 13.11 7.47
N ILE A 24 -1.03 12.69 8.71
CA ILE A 24 -0.03 11.67 9.04
C ILE A 24 -0.77 10.47 9.63
N ALA A 25 -0.44 9.28 9.14
CA ALA A 25 -1.06 8.04 9.62
C ALA A 25 0.03 7.18 10.23
N ILE A 26 -0.26 6.55 11.36
CA ILE A 26 0.74 5.71 12.02
C ILE A 26 0.18 4.37 12.42
N ILE A 27 0.99 3.34 12.20
CA ILE A 27 0.64 1.99 12.59
C ILE A 27 1.43 1.71 13.86
N MET A 28 0.75 1.75 14.99
CA MET A 28 1.37 1.53 16.30
C MET A 28 1.66 0.05 16.49
N ASP A 29 2.93 -0.25 16.69
CA ASP A 29 3.38 -1.63 16.82
C ASP A 29 4.47 -1.76 17.88
N GLY A 30 4.64 -2.97 18.40
CA GLY A 30 5.70 -3.23 19.36
C GLY A 30 5.46 -2.96 20.84
N ASN A 31 4.21 -2.96 21.26
CA ASN A 31 3.90 -2.74 22.67
C ASN A 31 4.30 -3.95 23.50
N GLY A 32 4.04 -5.14 22.97
CA GLY A 32 4.36 -6.37 23.66
C GLY A 32 5.84 -6.64 23.69
N ARG A 33 6.47 -6.62 22.52
CA ARG A 33 7.90 -6.87 22.41
C ARG A 33 8.70 -5.90 23.26
N TRP A 34 8.21 -4.67 23.39
CA TRP A 34 8.88 -3.65 24.19
C TRP A 34 8.89 -4.08 25.66
N ALA A 35 7.78 -4.65 26.11
CA ALA A 35 7.64 -5.10 27.49
C ALA A 35 8.53 -6.30 27.82
N LYS A 36 8.61 -7.28 26.93
CA LYS A 36 9.43 -8.46 27.17
C LYS A 36 10.93 -8.13 27.28
N GLN A 37 11.38 -7.17 26.46
CA GLN A 37 12.77 -6.75 26.48
C GLN A 37 13.07 -6.05 27.81
N LYS A 38 12.13 -5.22 28.25
CA LYS A 38 12.24 -4.48 29.50
C LYS A 38 11.85 -5.37 30.68
N LYS A 39 11.77 -6.68 30.44
CA LYS A 39 11.42 -7.68 31.44
C LYS A 39 10.19 -7.33 32.31
N MET A 40 9.17 -6.80 31.66
CA MET A 40 7.93 -6.40 32.32
C MET A 40 6.73 -7.11 31.68
N PRO A 41 5.59 -7.18 32.39
CA PRO A 41 4.39 -7.83 31.87
C PRO A 41 3.90 -7.07 30.63
N ARG A 42 3.21 -7.76 29.73
CA ARG A 42 2.71 -7.14 28.50
C ARG A 42 1.78 -5.95 28.74
N ILE A 43 0.97 -6.02 29.79
CA ILE A 43 0.04 -4.94 30.09
C ILE A 43 0.73 -3.60 30.32
N LYS A 44 1.95 -3.64 30.85
CA LYS A 44 2.68 -2.40 31.10
C LYS A 44 3.11 -1.74 29.79
N GLY A 45 3.26 -2.54 28.75
CA GLY A 45 3.64 -2.02 27.45
C GLY A 45 2.46 -1.25 26.88
N HIS A 46 1.27 -1.75 27.13
CA HIS A 46 0.05 -1.10 26.65
C HIS A 46 -0.06 0.31 27.21
N TYR A 47 0.15 0.47 28.51
CA TYR A 47 0.04 1.78 29.13
C TYR A 47 1.14 2.76 28.73
N GLU A 48 2.36 2.27 28.53
CA GLU A 48 3.45 3.13 28.08
C GLU A 48 3.12 3.59 26.67
N GLY A 49 2.51 2.70 25.90
CA GLY A 49 2.13 3.02 24.53
C GLY A 49 1.00 4.04 24.53
N MET A 50 0.13 3.95 25.54
CA MET A 50 -0.97 4.89 25.63
C MET A 50 -0.39 6.25 25.96
N GLN A 51 0.64 6.27 26.79
CA GLN A 51 1.28 7.53 27.14
C GLN A 51 1.90 8.12 25.87
N THR A 52 2.45 7.25 25.04
CA THR A 52 3.05 7.71 23.79
C THR A 52 2.01 8.36 22.89
N VAL A 53 0.78 7.84 22.93
CA VAL A 53 -0.30 8.38 22.12
C VAL A 53 -0.63 9.80 22.56
N ARG A 54 -0.57 10.05 23.87
CA ARG A 54 -0.86 11.38 24.38
C ARG A 54 0.24 12.36 24.02
N LYS A 55 1.50 11.93 24.17
CA LYS A 55 2.65 12.77 23.85
C LYS A 55 2.58 13.23 22.40
N ILE A 56 2.42 12.27 21.49
CA ILE A 56 2.36 12.56 20.05
C ILE A 56 1.18 13.42 19.65
N THR A 57 0.04 13.21 20.29
CA THR A 57 -1.15 14.01 19.97
C THR A 57 -0.88 15.46 20.29
N ARG A 58 -0.26 15.71 21.46
CA ARG A 58 0.07 17.07 21.88
C ARG A 58 1.03 17.69 20.88
N TYR A 59 2.13 16.99 20.63
CA TYR A 59 3.15 17.46 19.72
C TYR A 59 2.64 17.73 18.32
N ALA A 60 1.90 16.77 17.76
CA ALA A 60 1.36 16.91 16.42
C ALA A 60 0.48 18.15 16.36
N SER A 61 -0.33 18.34 17.39
CA SER A 61 -1.24 19.47 17.48
C SER A 61 -0.46 20.78 17.44
N ASP A 62 0.67 20.82 18.13
CA ASP A 62 1.51 22.01 18.15
C ASP A 62 2.16 22.27 16.80
N LEU A 63 2.58 21.21 16.12
CA LEU A 63 3.22 21.34 14.81
C LEU A 63 2.31 21.90 13.72
N GLY A 64 1.00 21.75 13.91
CA GLY A 64 0.06 22.26 12.93
C GLY A 64 -0.54 21.19 12.03
N VAL A 65 -0.28 19.93 12.36
CA VAL A 65 -0.81 18.81 11.59
C VAL A 65 -2.33 18.87 11.72
N LYS A 66 -3.03 18.64 10.63
CA LYS A 66 -4.48 18.71 10.66
C LYS A 66 -5.18 17.39 10.93
N TYR A 67 -4.56 16.29 10.53
CA TYR A 67 -5.16 14.99 10.74
C TYR A 67 -4.13 13.99 11.21
N LEU A 68 -4.50 13.17 12.18
CA LEU A 68 -3.60 12.14 12.70
C LEU A 68 -4.40 10.87 12.90
N THR A 69 -4.13 9.88 12.07
CA THR A 69 -4.82 8.60 12.16
C THR A 69 -3.93 7.56 12.82
N LEU A 70 -4.44 6.93 13.86
CA LEU A 70 -3.69 5.92 14.59
C LEU A 70 -4.32 4.55 14.41
N TYR A 71 -3.50 3.55 14.12
CA TYR A 71 -4.00 2.19 13.95
C TYR A 71 -3.22 1.28 14.88
N ALA A 72 -3.92 0.67 15.83
CA ALA A 72 -3.28 -0.25 16.78
C ALA A 72 -3.06 -1.58 16.07
N PHE A 73 -1.89 -2.18 16.29
CA PHE A 73 -1.58 -3.46 15.66
C PHE A 73 -0.85 -4.39 16.63
N ASN A 86 -12.29 -10.92 28.69
CA ASN A 86 -12.22 -10.04 27.49
C ASN A 86 -12.06 -8.58 27.90
N TYR A 87 -11.12 -8.33 28.81
CA TYR A 87 -10.83 -6.99 29.28
C TYR A 87 -10.18 -6.21 28.15
N LEU A 88 -9.45 -6.93 27.30
CA LEU A 88 -8.78 -6.36 26.14
C LEU A 88 -9.75 -5.55 25.31
N MET A 89 -11.01 -5.96 25.34
CA MET A 89 -12.09 -5.29 24.60
C MET A 89 -12.49 -3.96 25.25
N LYS A 90 -12.11 -3.77 26.51
CA LYS A 90 -12.43 -2.55 27.24
C LYS A 90 -11.32 -1.49 27.22
N LEU A 91 -10.10 -1.91 26.88
CA LEU A 91 -8.96 -0.98 26.86
C LEU A 91 -9.06 0.27 25.99
N PRO A 92 -9.46 0.13 24.73
CA PRO A 92 -9.56 1.30 23.85
C PRO A 92 -10.56 2.33 24.37
N GLY A 93 -11.72 1.84 24.79
CA GLY A 93 -12.76 2.73 25.29
C GLY A 93 -12.37 3.47 26.55
N ASP A 94 -11.72 2.78 27.49
CA ASP A 94 -11.32 3.41 28.74
C ASP A 94 -10.19 4.39 28.56
N PHE A 95 -9.35 4.19 27.56
CA PHE A 95 -8.25 5.11 27.30
C PHE A 95 -8.84 6.45 26.90
N LEU A 96 -9.85 6.40 26.06
CA LEU A 96 -10.51 7.61 25.60
C LEU A 96 -11.18 8.36 26.74
N ASN A 97 -11.89 7.64 27.60
CA ASN A 97 -12.57 8.25 28.74
C ASN A 97 -11.64 9.08 29.61
N THR A 98 -10.43 8.58 29.83
CA THR A 98 -9.45 9.27 30.66
C THR A 98 -8.70 10.39 29.93
N PHE A 99 -8.60 10.28 28.61
CA PHE A 99 -7.89 11.26 27.79
C PHE A 99 -8.79 12.40 27.30
N LEU A 100 -10.09 12.14 27.27
CA LEU A 100 -11.07 13.09 26.79
C LEU A 100 -11.01 14.50 27.37
N PRO A 101 -10.90 14.63 28.70
CA PRO A 101 -10.84 15.97 29.30
C PRO A 101 -9.78 16.85 28.65
N GLU A 102 -8.62 16.27 28.39
CA GLU A 102 -7.51 17.00 27.80
C GLU A 102 -7.74 17.29 26.32
N LEU A 103 -8.38 16.35 25.63
CA LEU A 103 -8.67 16.51 24.22
C LEU A 103 -9.63 17.68 24.02
N ILE A 104 -10.60 17.79 24.92
CA ILE A 104 -11.59 18.86 24.84
C ILE A 104 -10.95 20.23 24.97
N GLU A 105 -10.17 20.44 26.03
CA GLU A 105 -9.54 21.73 26.21
C GLU A 105 -8.44 22.01 25.19
N LYS A 106 -7.86 20.96 24.64
CA LYS A 106 -6.81 21.11 23.64
C LYS A 106 -7.35 21.37 22.22
N ASN A 107 -8.66 21.52 22.12
CA ASN A 107 -9.32 21.81 20.84
C ASN A 107 -9.17 20.70 19.79
N VAL A 108 -9.00 19.46 20.26
CA VAL A 108 -8.86 18.31 19.36
C VAL A 108 -10.21 17.70 19.02
N LYS A 109 -10.43 17.41 17.74
CA LYS A 109 -11.68 16.79 17.31
C LYS A 109 -11.45 15.31 17.09
N VAL A 110 -12.26 14.48 17.73
CA VAL A 110 -12.13 13.03 17.61
C VAL A 110 -13.01 12.46 16.51
N GLU A 111 -12.44 11.55 15.73
CA GLU A 111 -13.15 10.89 14.64
C GLU A 111 -12.71 9.44 14.61
N THR A 112 -13.42 8.62 13.84
CA THR A 112 -13.10 7.22 13.72
C THR A 112 -13.34 6.71 12.32
N ILE A 113 -12.66 5.61 11.99
CA ILE A 113 -12.84 4.93 10.73
C ILE A 113 -12.92 3.49 11.16
N GLY A 114 -13.83 2.73 10.55
CA GLY A 114 -13.99 1.34 10.91
C GLY A 114 -15.45 1.09 11.24
N PHE A 115 -15.77 -0.16 11.51
CA PHE A 115 -17.15 -0.52 11.83
C PHE A 115 -17.33 -0.44 13.32
N ILE A 116 -17.45 0.79 13.82
CA ILE A 116 -17.63 1.06 15.24
C ILE A 116 -18.96 0.49 15.73
N ASP A 117 -19.88 0.30 14.80
CA ASP A 117 -21.20 -0.23 15.08
C ASP A 117 -21.13 -1.67 15.60
N ASP A 118 -20.02 -2.35 15.34
CA ASP A 118 -19.86 -3.73 15.78
C ASP A 118 -18.94 -3.86 16.97
N LEU A 119 -18.57 -2.73 17.55
CA LEU A 119 -17.69 -2.74 18.71
C LEU A 119 -18.48 -3.06 19.98
N PRO A 120 -17.80 -3.54 21.03
CA PRO A 120 -18.45 -3.86 22.29
C PRO A 120 -19.14 -2.63 22.85
N ASP A 121 -20.29 -2.84 23.49
CA ASP A 121 -21.07 -1.73 24.06
C ASP A 121 -20.21 -0.78 24.88
N HIS A 122 -19.33 -1.33 25.69
CA HIS A 122 -18.47 -0.51 26.54
C HIS A 122 -17.68 0.50 25.72
N THR A 123 -16.94 0.01 24.75
CA THR A 123 -16.11 0.86 23.90
C THR A 123 -16.92 1.69 22.91
N LYS A 124 -18.00 1.11 22.40
CA LYS A 124 -18.85 1.82 21.45
C LYS A 124 -19.34 3.12 22.11
N LYS A 125 -19.71 3.02 23.38
CA LYS A 125 -20.20 4.16 24.14
C LYS A 125 -19.14 5.24 24.35
N ALA A 126 -17.97 4.84 24.80
CA ALA A 126 -16.88 5.79 25.04
C ALA A 126 -16.55 6.54 23.76
N VAL A 127 -16.54 5.81 22.66
CA VAL A 127 -16.24 6.41 21.36
C VAL A 127 -17.28 7.43 20.95
N LEU A 128 -18.56 7.04 20.98
CA LEU A 128 -19.64 7.93 20.60
C LEU A 128 -19.68 9.19 21.47
N GLU A 129 -19.28 9.04 22.72
CA GLU A 129 -19.24 10.18 23.63
C GLU A 129 -18.09 11.12 23.28
N ALA A 130 -16.95 10.54 22.94
CA ALA A 130 -15.77 11.32 22.58
C ALA A 130 -16.01 12.17 21.34
N LYS A 131 -16.69 11.62 20.34
CA LYS A 131 -16.97 12.37 19.12
C LYS A 131 -17.96 13.49 19.37
N GLU A 132 -18.97 13.20 20.19
CA GLU A 132 -20.01 14.18 20.51
C GLU A 132 -19.47 15.36 21.30
N LYS A 133 -18.65 15.09 22.32
CA LYS A 133 -18.10 16.17 23.12
C LYS A 133 -16.96 16.96 22.47
N THR A 134 -16.55 16.56 21.27
CA THR A 134 -15.46 17.25 20.58
C THR A 134 -15.83 17.70 19.17
N LYS A 135 -17.03 17.36 18.72
CA LYS A 135 -17.49 17.71 17.38
C LYS A 135 -17.35 19.18 17.01
N HIS A 136 -17.24 20.06 18.00
CA HIS A 136 -17.12 21.49 17.73
C HIS A 136 -15.71 22.03 17.78
N ASN A 137 -14.76 21.18 18.13
CA ASN A 137 -13.36 21.57 18.18
C ASN A 137 -12.86 21.80 16.77
N THR A 138 -11.86 22.67 16.62
CA THR A 138 -11.36 23.00 15.31
C THR A 138 -9.86 22.84 15.12
N GLY A 139 -9.21 22.18 16.07
CA GLY A 139 -7.77 21.99 15.94
C GLY A 139 -7.48 20.71 15.20
N LEU A 140 -6.54 19.92 15.72
CA LEU A 140 -6.18 18.65 15.12
C LEU A 140 -7.35 17.68 15.15
N THR A 141 -7.49 16.89 14.10
CA THR A 141 -8.54 15.88 14.06
C THR A 141 -7.81 14.57 14.29
N LEU A 142 -8.10 13.94 15.43
CA LEU A 142 -7.49 12.68 15.81
C LEU A 142 -8.39 11.51 15.40
N VAL A 143 -7.94 10.71 14.44
CA VAL A 143 -8.73 9.58 13.96
C VAL A 143 -8.29 8.24 14.51
N PHE A 144 -9.24 7.49 15.06
CA PHE A 144 -8.96 6.17 15.61
C PHE A 144 -9.48 5.11 14.67
N ALA A 145 -8.59 4.26 14.18
CA ALA A 145 -8.97 3.18 13.30
C ALA A 145 -9.34 2.02 14.20
N LEU A 146 -10.65 1.85 14.43
CA LEU A 146 -11.13 0.79 15.29
C LEU A 146 -11.94 -0.18 14.47
N ASN A 147 -11.62 -1.46 14.59
CA ASN A 147 -12.33 -2.49 13.86
C ASN A 147 -12.30 -2.08 12.40
N TYR A 148 -11.09 -1.78 11.93
CA TYR A 148 -10.87 -1.32 10.57
C TYR A 148 -10.04 -2.31 9.78
N GLY A 149 -10.32 -2.38 8.49
CA GLY A 149 -9.60 -3.27 7.60
C GLY A 149 -9.66 -2.65 6.21
N GLY A 150 -8.50 -2.48 5.60
CA GLY A 150 -8.43 -1.90 4.27
C GLY A 150 -9.29 -2.60 3.23
N ARG A 151 -9.12 -3.91 3.10
CA ARG A 151 -9.89 -4.67 2.13
C ARG A 151 -11.36 -4.63 2.45
N LYS A 152 -11.69 -4.78 3.72
CA LYS A 152 -13.08 -4.75 4.14
C LYS A 152 -13.69 -3.40 3.84
N GLU A 153 -12.92 -2.34 3.99
CA GLU A 153 -13.43 -1.00 3.71
C GLU A 153 -13.84 -0.89 2.24
N ILE A 154 -12.97 -1.37 1.36
CA ILE A 154 -13.23 -1.32 -0.07
C ILE A 154 -14.44 -2.19 -0.46
N ILE A 155 -14.58 -3.32 0.19
CA ILE A 155 -15.71 -4.20 -0.11
C ILE A 155 -17.02 -3.52 0.26
N SER A 156 -17.02 -2.82 1.40
CA SER A 156 -18.22 -2.14 1.85
C SER A 156 -18.64 -1.10 0.83
N ALA A 157 -17.66 -0.38 0.31
CA ALA A 157 -17.93 0.65 -0.68
C ALA A 157 -18.49 0.06 -1.96
N VAL A 158 -18.01 -1.12 -2.34
CA VAL A 158 -18.48 -1.77 -3.54
C VAL A 158 -19.96 -2.15 -3.41
N GLN A 159 -20.32 -2.72 -2.27
CA GLN A 159 -21.71 -3.09 -2.01
C GLN A 159 -22.63 -1.88 -2.10
N LEU A 160 -22.19 -0.77 -1.51
CA LEU A 160 -22.98 0.45 -1.54
C LEU A 160 -23.21 0.86 -2.97
N ILE A 161 -22.13 0.90 -3.74
CA ILE A 161 -22.20 1.29 -5.15
C ILE A 161 -23.02 0.31 -5.99
N ALA A 162 -22.85 -0.98 -5.73
CA ALA A 162 -23.61 -1.99 -6.46
C ALA A 162 -25.09 -1.79 -6.20
N GLU A 163 -25.43 -1.46 -4.95
CA GLU A 163 -26.83 -1.23 -4.59
C GLU A 163 -27.34 0.04 -5.24
N ARG A 164 -26.50 1.07 -5.27
CA ARG A 164 -26.91 2.33 -5.87
C ARG A 164 -27.12 2.17 -7.37
N TYR A 165 -26.35 1.27 -7.98
CA TYR A 165 -26.47 1.03 -9.41
C TYR A 165 -27.73 0.22 -9.75
N LYS A 166 -28.01 -0.80 -8.93
CA LYS A 166 -29.18 -1.64 -9.15
C LYS A 166 -30.45 -0.79 -9.01
N SER A 167 -30.47 0.08 -8.00
CA SER A 167 -31.61 0.96 -7.74
C SER A 167 -31.81 1.96 -8.86
N GLY A 168 -30.79 2.11 -9.70
CA GLY A 168 -30.87 3.03 -10.83
C GLY A 168 -30.57 4.48 -10.49
N GLU A 169 -30.01 4.72 -9.30
CA GLU A 169 -29.69 6.08 -8.87
C GLU A 169 -28.43 6.65 -9.53
N ILE A 170 -27.52 5.77 -9.95
CA ILE A 170 -26.29 6.23 -10.60
C ILE A 170 -26.01 5.46 -11.88
N SER A 171 -25.28 6.09 -12.80
CA SER A 171 -24.92 5.47 -14.05
C SER A 171 -23.58 4.77 -13.91
N LEU A 172 -23.30 3.87 -14.83
CA LEU A 172 -22.05 3.12 -14.82
C LEU A 172 -20.85 4.05 -14.92
N ASP A 173 -20.98 5.12 -15.71
CA ASP A 173 -19.89 6.08 -15.89
C ASP A 173 -19.60 6.92 -14.65
N GLU A 174 -20.55 6.97 -13.73
CA GLU A 174 -20.39 7.74 -12.50
C GLU A 174 -19.50 7.00 -11.49
N ILE A 175 -19.14 5.76 -11.81
CA ILE A 175 -18.28 4.95 -10.97
C ILE A 175 -16.86 5.25 -11.40
N SER A 176 -16.30 6.32 -10.85
CA SER A 176 -14.94 6.76 -11.17
C SER A 176 -14.09 6.85 -9.92
N GLU A 177 -12.80 7.12 -10.10
CA GLU A 177 -11.89 7.24 -8.97
C GLU A 177 -12.29 8.49 -8.22
N THR A 178 -12.85 9.45 -8.94
CA THR A 178 -13.29 10.71 -8.38
C THR A 178 -14.35 10.50 -7.31
N HIS A 179 -15.41 9.79 -7.68
CA HIS A 179 -16.52 9.54 -6.76
C HIS A 179 -16.32 8.42 -5.76
N PHE A 180 -15.27 7.61 -5.95
CA PHE A 180 -15.04 6.48 -5.05
C PHE A 180 -14.76 6.87 -3.61
N ASN A 181 -14.09 7.99 -3.39
CA ASN A 181 -13.78 8.43 -2.03
C ASN A 181 -15.04 8.69 -1.21
N GLU A 182 -16.13 9.03 -1.88
CA GLU A 182 -17.40 9.33 -1.21
C GLU A 182 -17.96 8.13 -0.44
N TYR A 183 -17.59 6.93 -0.86
CA TYR A 183 -18.09 5.72 -0.23
C TYR A 183 -17.15 5.09 0.78
N LEU A 184 -16.00 5.72 1.01
CA LEU A 184 -15.02 5.20 1.96
C LEU A 184 -15.22 5.87 3.32
N PHE A 185 -14.61 5.33 4.37
CA PHE A 185 -14.74 5.93 5.70
C PHE A 185 -14.06 7.29 5.77
N THR A 186 -13.08 7.50 4.90
CA THR A 186 -12.30 8.72 4.83
C THR A 186 -12.79 9.72 3.80
N ALA A 187 -14.09 9.69 3.53
CA ALA A 187 -14.70 10.58 2.56
C ALA A 187 -14.37 12.06 2.73
N ASN A 188 -14.45 12.56 3.96
CA ASN A 188 -14.17 13.97 4.23
C ASN A 188 -12.76 14.18 4.73
N MET A 189 -11.82 13.40 4.20
CA MET A 189 -10.44 13.50 4.62
C MET A 189 -9.47 13.39 3.46
N PRO A 190 -8.33 14.10 3.56
CA PRO A 190 -7.28 14.11 2.55
C PRO A 190 -6.48 12.85 2.74
N ASP A 191 -6.01 12.25 1.66
CA ASP A 191 -5.19 11.05 1.77
C ASP A 191 -3.94 11.47 2.53
N PRO A 192 -3.38 10.57 3.34
CA PRO A 192 -2.17 10.90 4.09
C PRO A 192 -0.95 11.05 3.21
N GLU A 193 -0.10 12.02 3.52
CA GLU A 193 1.11 12.24 2.74
C GLU A 193 2.20 11.37 3.31
N LEU A 194 2.04 11.01 4.56
CA LEU A 194 3.05 10.23 5.23
C LEU A 194 2.42 9.11 6.02
N LEU A 195 3.01 7.92 5.94
CA LEU A 195 2.52 6.78 6.68
C LEU A 195 3.73 6.24 7.42
N ILE A 196 3.58 6.05 8.72
CA ILE A 196 4.67 5.57 9.56
C ILE A 196 4.36 4.26 10.21
N ARG A 197 5.34 3.37 10.26
CA ARG A 197 5.16 2.10 10.94
C ARG A 197 6.36 1.86 11.82
N THR A 198 6.07 1.45 13.05
CA THR A 198 7.09 1.19 14.05
C THR A 198 7.47 -0.28 14.13
N SER A 199 8.41 -0.60 15.03
CA SER A 199 8.90 -1.97 15.24
C SER A 199 9.77 -2.46 14.10
N GLY A 200 10.17 -1.55 13.23
CA GLY A 200 11.02 -1.90 12.10
C GLY A 200 10.47 -3.00 11.20
N GLU A 201 9.15 -3.16 11.21
CA GLU A 201 8.53 -4.17 10.38
C GLU A 201 8.14 -3.49 9.07
N GLU A 202 8.86 -3.81 8.00
CA GLU A 202 8.59 -3.21 6.69
C GLU A 202 7.49 -3.95 5.94
N ARG A 203 6.25 -3.61 6.28
CA ARG A 203 5.10 -4.25 5.65
C ARG A 203 3.84 -3.44 5.90
N LEU A 204 2.97 -3.38 4.91
CA LEU A 204 1.72 -2.66 5.07
C LEU A 204 0.74 -3.73 5.55
N SER A 205 -0.06 -3.40 6.54
CA SER A 205 -0.99 -4.38 7.08
C SER A 205 -2.45 -4.09 6.80
N ASN A 206 -2.84 -4.15 5.54
CA ASN A 206 -4.23 -3.94 5.16
C ASN A 206 -4.77 -2.66 5.80
N PHE A 207 -4.08 -1.56 5.60
CA PHE A 207 -4.45 -0.27 6.19
C PHE A 207 -4.42 0.86 5.18
N LEU A 208 -5.57 1.50 4.98
CA LEU A 208 -5.71 2.63 4.05
C LEU A 208 -5.19 2.27 2.68
N ILE A 209 -5.58 1.09 2.23
CA ILE A 209 -5.21 0.53 0.95
C ILE A 209 -5.35 1.55 -0.19
N TRP A 210 -6.56 2.06 -0.37
CA TRP A 210 -6.84 3.03 -1.43
C TRP A 210 -6.24 4.40 -1.14
N GLN A 211 -6.29 4.79 0.13
CA GLN A 211 -5.79 6.10 0.54
C GLN A 211 -4.28 6.27 0.54
N CYS A 212 -3.52 5.19 0.59
CA CYS A 212 -2.07 5.30 0.62
C CYS A 212 -1.35 4.99 -0.68
N SER A 213 -2.07 5.11 -1.79
CA SER A 213 -1.49 4.83 -3.11
C SER A 213 -0.22 5.61 -3.40
N TYR A 214 -0.21 6.89 -3.04
CA TYR A 214 0.93 7.76 -3.28
C TYR A 214 1.59 8.30 -2.02
N SER A 215 1.28 7.73 -0.87
CA SER A 215 1.85 8.18 0.38
C SER A 215 3.29 7.75 0.52
N GLU A 216 4.06 8.54 1.27
CA GLU A 216 5.45 8.21 1.51
C GLU A 216 5.47 7.28 2.71
N PHE A 217 6.32 6.26 2.66
CA PHE A 217 6.41 5.30 3.74
C PHE A 217 7.71 5.47 4.50
N VAL A 218 7.58 5.47 5.82
CA VAL A 218 8.72 5.60 6.72
C VAL A 218 8.59 4.50 7.76
N PHE A 219 9.50 3.53 7.69
CA PHE A 219 9.51 2.43 8.63
C PHE A 219 10.64 2.69 9.62
N ILE A 220 10.27 2.99 10.85
CA ILE A 220 11.27 3.27 11.88
C ILE A 220 11.46 2.02 12.73
N ASP A 221 12.67 1.84 13.23
CA ASP A 221 13.01 0.66 14.03
C ASP A 221 12.48 0.56 15.46
N GLU A 222 12.46 1.67 16.19
CA GLU A 222 11.99 1.65 17.57
C GLU A 222 10.55 1.23 17.81
N PHE A 223 10.30 0.66 18.98
CA PHE A 223 8.96 0.22 19.39
C PHE A 223 8.10 1.42 19.73
N TRP A 224 6.79 1.27 19.55
CA TRP A 224 5.87 2.36 19.82
C TRP A 224 6.08 3.04 21.16
N PRO A 225 6.29 2.27 22.24
CA PRO A 225 6.50 2.90 23.56
C PRO A 225 7.71 3.82 23.63
N ASP A 226 8.73 3.56 22.82
CA ASP A 226 9.93 4.40 22.78
C ASP A 226 9.84 5.55 21.77
N PHE A 227 8.82 5.50 20.93
CA PHE A 227 8.59 6.53 19.91
C PHE A 227 8.27 7.83 20.63
N ASN A 228 8.86 8.93 20.17
CA ASN A 228 8.64 10.23 20.78
C ASN A 228 8.60 11.40 19.79
N GLU A 229 8.59 12.60 20.33
CA GLU A 229 8.54 13.82 19.54
C GLU A 229 9.69 13.87 18.53
N GLU A 230 10.88 13.52 18.99
CA GLU A 230 12.05 13.53 18.14
C GLU A 230 11.89 12.56 16.98
N SER A 231 11.31 11.40 17.26
CA SER A 231 11.08 10.39 16.24
C SER A 231 10.12 10.92 15.20
N LEU A 232 9.07 11.59 15.66
CA LEU A 232 8.10 12.15 14.75
C LEU A 232 8.78 13.20 13.91
N ALA A 233 9.51 14.11 14.56
CA ALA A 233 10.22 15.17 13.86
C ALA A 233 11.15 14.61 12.80
N GLN A 234 11.81 13.51 13.14
CA GLN A 234 12.74 12.84 12.25
C GLN A 234 12.01 12.38 11.00
N CYS A 235 10.89 11.68 11.20
CA CYS A 235 10.08 11.17 10.10
C CYS A 235 9.65 12.29 9.17
N ILE A 236 9.24 13.41 9.74
CA ILE A 236 8.81 14.56 8.94
C ILE A 236 9.99 15.11 8.16
N SER A 237 11.16 15.16 8.80
CA SER A 237 12.37 15.66 8.13
C SER A 237 12.62 14.81 6.91
N ILE A 238 12.56 13.49 7.10
CA ILE A 238 12.77 12.54 6.02
C ILE A 238 11.70 12.71 4.93
N TYR A 239 10.46 12.95 5.35
CA TYR A 239 9.37 13.15 4.41
C TYR A 239 9.70 14.33 3.52
N GLN A 240 10.19 15.40 4.13
CA GLN A 240 10.58 16.60 3.40
C GLN A 240 11.79 16.35 2.52
N ASN A 241 12.09 15.07 2.25
CA ASN A 241 13.25 14.66 1.45
C ASN A 241 14.48 15.33 2.04
N ARG A 242 14.50 15.38 3.37
CA ARG A 242 15.55 16.00 4.17
C ARG A 242 15.38 17.53 4.18
N GLN B 19 9.59 -21.06 2.13
CA GLN B 19 11.00 -20.65 1.98
C GLN B 19 11.14 -19.56 0.90
N ILE B 20 11.10 -19.96 -0.37
CA ILE B 20 11.23 -19.03 -1.50
C ILE B 20 9.85 -18.50 -1.91
N PRO B 21 9.73 -17.16 -2.10
CA PRO B 21 8.47 -16.52 -2.49
C PRO B 21 8.00 -16.99 -3.84
N LYS B 22 6.70 -17.19 -3.97
CA LYS B 22 6.10 -17.64 -5.22
C LYS B 22 5.94 -16.47 -6.17
N HIS B 23 5.67 -15.29 -5.61
CA HIS B 23 5.45 -14.10 -6.42
C HIS B 23 6.21 -12.90 -5.90
N ILE B 24 7.07 -12.34 -6.74
CA ILE B 24 7.87 -11.17 -6.40
C ILE B 24 7.48 -10.07 -7.40
N ALA B 25 7.18 -8.88 -6.88
CA ALA B 25 6.83 -7.75 -7.72
C ALA B 25 7.90 -6.70 -7.54
N ILE B 26 8.29 -6.06 -8.63
CA ILE B 26 9.33 -5.03 -8.59
C ILE B 26 8.97 -3.76 -9.33
N ILE B 27 9.11 -2.63 -8.65
CA ILE B 27 8.86 -1.33 -9.26
C ILE B 27 10.26 -0.89 -9.63
N MET B 28 10.57 -0.95 -10.92
CA MET B 28 11.89 -0.59 -11.40
C MET B 28 12.00 0.77 -12.04
N ASP B 29 13.06 1.48 -11.70
CA ASP B 29 13.33 2.79 -12.27
C ASP B 29 14.72 3.23 -11.86
N GLY B 30 15.12 4.41 -12.32
CA GLY B 30 16.44 4.91 -12.02
C GLY B 30 17.35 4.69 -13.20
N ASN B 31 16.78 4.39 -14.36
CA ASN B 31 17.55 4.17 -15.59
C ASN B 31 18.14 5.48 -16.08
N GLY B 32 17.34 6.55 -15.98
CA GLY B 32 17.80 7.85 -16.40
C GLY B 32 18.85 8.38 -15.44
N ARG B 33 18.53 8.36 -14.15
CA ARG B 33 19.42 8.84 -13.12
C ARG B 33 20.76 8.10 -13.11
N TRP B 34 20.73 6.79 -13.37
CA TRP B 34 21.93 5.97 -13.39
C TRP B 34 22.94 6.50 -14.41
N ALA B 35 22.45 6.76 -15.61
CA ALA B 35 23.30 7.27 -16.69
C ALA B 35 23.80 8.67 -16.37
N LYS B 36 22.92 9.52 -15.85
CA LYS B 36 23.27 10.89 -15.50
C LYS B 36 24.42 10.88 -14.50
N GLN B 37 24.28 10.07 -13.45
CA GLN B 37 25.31 9.96 -12.43
C GLN B 37 26.57 9.31 -12.98
N LYS B 38 26.39 8.39 -13.92
CA LYS B 38 27.52 7.69 -14.54
C LYS B 38 28.11 8.48 -15.71
N LYS B 39 27.45 9.57 -16.07
CA LYS B 39 27.89 10.43 -17.18
C LYS B 39 27.92 9.68 -18.50
N MET B 40 26.83 8.96 -18.79
CA MET B 40 26.71 8.20 -20.03
C MET B 40 25.37 8.52 -20.67
N PRO B 41 25.27 8.36 -22.01
CA PRO B 41 24.04 8.63 -22.75
C PRO B 41 22.85 7.81 -22.23
N ARG B 42 21.64 8.26 -22.53
CA ARG B 42 20.44 7.56 -22.07
C ARG B 42 20.38 6.15 -22.61
N ILE B 43 20.65 5.99 -23.91
CA ILE B 43 20.62 4.69 -24.56
C ILE B 43 21.48 3.65 -23.82
N LYS B 44 22.54 4.11 -23.15
CA LYS B 44 23.40 3.21 -22.41
C LYS B 44 22.69 2.67 -21.17
N GLY B 45 21.91 3.54 -20.52
CA GLY B 45 21.18 3.12 -19.33
C GLY B 45 20.04 2.21 -19.75
N HIS B 46 19.50 2.47 -20.93
CA HIS B 46 18.40 1.69 -21.48
C HIS B 46 18.92 0.27 -21.73
N TYR B 47 20.12 0.20 -22.29
CA TYR B 47 20.77 -1.06 -22.60
C TYR B 47 21.03 -1.92 -21.37
N GLU B 48 21.58 -1.29 -20.33
CA GLU B 48 21.89 -2.00 -19.09
C GLU B 48 20.60 -2.39 -18.40
N GLY B 49 19.61 -1.52 -18.50
CA GLY B 49 18.33 -1.80 -17.88
C GLY B 49 17.77 -3.09 -18.42
N MET B 50 17.78 -3.25 -19.74
CA MET B 50 17.28 -4.47 -20.37
C MET B 50 18.12 -5.67 -19.95
N GLN B 51 19.43 -5.46 -19.82
CA GLN B 51 20.31 -6.54 -19.42
C GLN B 51 19.99 -7.00 -18.01
N THR B 52 19.56 -6.06 -17.16
CA THR B 52 19.20 -6.41 -15.80
C THR B 52 17.93 -7.26 -15.79
N VAL B 53 16.96 -6.88 -16.62
CA VAL B 53 15.70 -7.61 -16.70
C VAL B 53 15.98 -9.05 -17.11
N ARG B 54 16.94 -9.22 -18.01
CA ARG B 54 17.30 -10.55 -18.51
C ARG B 54 17.94 -11.42 -17.44
N LYS B 55 18.88 -10.84 -16.70
CA LYS B 55 19.60 -11.55 -15.64
C LYS B 55 18.69 -11.92 -14.48
N ILE B 56 17.81 -10.99 -14.12
CA ILE B 56 16.89 -11.22 -13.02
C ILE B 56 15.84 -12.25 -13.40
N THR B 57 15.44 -12.25 -14.66
CA THR B 57 14.45 -13.21 -15.11
C THR B 57 15.01 -14.63 -15.04
N ARG B 58 16.25 -14.81 -15.50
CA ARG B 58 16.88 -16.13 -15.48
C ARG B 58 17.12 -16.63 -14.07
N TYR B 59 17.63 -15.75 -13.22
CA TYR B 59 17.92 -16.08 -11.83
C TYR B 59 16.67 -16.47 -11.05
N ALA B 60 15.59 -15.71 -11.23
CA ALA B 60 14.34 -15.97 -10.53
C ALA B 60 13.80 -17.33 -10.94
N SER B 61 13.90 -17.62 -12.24
CA SER B 61 13.45 -18.87 -12.80
C SER B 61 14.23 -20.01 -12.14
N ASP B 62 15.55 -19.83 -12.03
CA ASP B 62 16.41 -20.84 -11.41
C ASP B 62 16.08 -21.02 -9.94
N LEU B 63 15.75 -19.92 -9.26
CA LEU B 63 15.42 -19.99 -7.84
C LEU B 63 14.11 -20.71 -7.57
N GLY B 64 13.27 -20.81 -8.59
CA GLY B 64 12.00 -21.48 -8.39
C GLY B 64 10.84 -20.53 -8.21
N VAL B 65 11.08 -19.25 -8.42
CA VAL B 65 10.03 -18.24 -8.31
C VAL B 65 9.02 -18.58 -9.41
N LYS B 66 7.74 -18.41 -9.11
CA LYS B 66 6.70 -18.74 -10.08
C LYS B 66 6.19 -17.56 -10.88
N TYR B 67 6.10 -16.40 -10.23
CA TYR B 67 5.63 -15.17 -10.87
C TYR B 67 6.56 -14.03 -10.56
N LEU B 68 6.84 -13.21 -11.56
CA LEU B 68 7.70 -12.05 -11.40
C LEU B 68 7.01 -10.92 -12.14
N THR B 69 6.52 -9.94 -11.38
CA THR B 69 5.82 -8.81 -11.97
C THR B 69 6.73 -7.60 -12.01
N LEU B 70 6.88 -7.00 -13.19
CA LEU B 70 7.74 -5.85 -13.36
C LEU B 70 6.96 -4.62 -13.79
N TYR B 71 7.25 -3.51 -13.13
CA TYR B 71 6.60 -2.24 -13.40
C TYR B 71 7.66 -1.17 -13.60
N ALA B 72 7.86 -0.73 -14.84
CA ALA B 72 8.84 0.31 -15.16
C ALA B 72 8.26 1.67 -14.82
N PHE B 73 8.70 2.25 -13.71
CA PHE B 73 8.20 3.55 -13.27
C PHE B 73 8.94 4.74 -13.88
N ASN B 86 8.51 7.81 -21.67
CA ASN B 86 9.52 8.26 -22.66
C ASN B 86 10.36 7.06 -23.11
N TYR B 87 11.45 6.79 -22.39
CA TYR B 87 12.33 5.67 -22.70
C TYR B 87 11.88 4.39 -22.01
N LEU B 88 11.56 4.51 -20.72
CA LEU B 88 11.09 3.37 -19.93
C LEU B 88 9.81 2.82 -20.55
N MET B 89 9.14 3.66 -21.33
CA MET B 89 7.92 3.30 -22.02
C MET B 89 8.23 2.32 -23.17
N LYS B 90 9.46 2.38 -23.66
CA LYS B 90 9.91 1.53 -24.75
C LYS B 90 10.55 0.25 -24.25
N LEU B 91 11.14 0.30 -23.05
CA LEU B 91 11.82 -0.84 -22.45
C LEU B 91 11.13 -2.21 -22.58
N PRO B 92 9.85 -2.30 -22.21
CA PRO B 92 9.17 -3.59 -22.32
C PRO B 92 9.17 -4.12 -23.75
N GLY B 93 8.59 -3.36 -24.66
CA GLY B 93 8.55 -3.78 -26.05
C GLY B 93 9.92 -4.15 -26.60
N ASP B 94 10.91 -3.30 -26.32
CA ASP B 94 12.28 -3.54 -26.78
C ASP B 94 12.87 -4.79 -26.18
N PHE B 95 12.56 -5.05 -24.92
CA PHE B 95 13.09 -6.24 -24.27
C PHE B 95 12.49 -7.50 -24.88
N LEU B 96 11.20 -7.48 -25.13
CA LEU B 96 10.52 -8.63 -25.69
C LEU B 96 10.97 -8.94 -27.12
N ASN B 97 11.02 -7.92 -27.96
CA ASN B 97 11.47 -8.09 -29.34
C ASN B 97 12.90 -8.60 -29.43
N THR B 98 13.72 -8.20 -28.48
CA THR B 98 15.12 -8.59 -28.48
C THR B 98 15.45 -9.92 -27.83
N PHE B 99 14.78 -10.29 -26.75
CA PHE B 99 15.11 -11.54 -26.07
C PHE B 99 14.05 -12.62 -26.02
N LEU B 100 13.03 -12.51 -26.86
CA LEU B 100 11.97 -13.52 -26.87
C LEU B 100 12.49 -14.95 -27.04
N PRO B 101 13.37 -15.20 -28.02
CA PRO B 101 13.90 -16.55 -28.23
C PRO B 101 14.48 -17.14 -26.95
N GLU B 102 15.13 -16.30 -26.17
CA GLU B 102 15.74 -16.76 -24.92
C GLU B 102 14.65 -17.14 -23.91
N LEU B 103 13.57 -16.37 -23.88
CA LEU B 103 12.46 -16.63 -22.98
C LEU B 103 11.77 -17.94 -23.36
N ILE B 104 11.58 -18.15 -24.66
CA ILE B 104 10.95 -19.37 -25.14
C ILE B 104 11.79 -20.57 -24.72
N GLU B 105 13.11 -20.47 -24.92
CA GLU B 105 14.04 -21.53 -24.56
C GLU B 105 14.01 -21.87 -23.08
N LYS B 106 13.96 -20.86 -22.22
CA LYS B 106 13.97 -21.08 -20.79
C LYS B 106 12.62 -21.37 -20.11
N ASN B 107 11.60 -21.68 -20.91
CA ASN B 107 10.29 -22.03 -20.39
C ASN B 107 9.55 -20.92 -19.64
N VAL B 108 9.82 -19.68 -20.02
CA VAL B 108 9.18 -18.54 -19.39
C VAL B 108 7.88 -18.20 -20.11
N LYS B 109 6.84 -17.92 -19.35
CA LYS B 109 5.56 -17.53 -19.94
C LYS B 109 5.38 -16.03 -19.73
N VAL B 110 5.04 -15.33 -20.80
CA VAL B 110 4.85 -13.89 -20.74
C VAL B 110 3.39 -13.48 -20.62
N GLU B 111 3.12 -12.59 -19.67
CA GLU B 111 1.76 -12.08 -19.43
C GLU B 111 1.84 -10.58 -19.14
N THR B 112 0.69 -9.94 -19.02
CA THR B 112 0.62 -8.51 -18.73
C THR B 112 -0.60 -8.15 -17.89
N ILE B 113 -0.54 -6.98 -17.27
CA ILE B 113 -1.66 -6.46 -16.50
C ILE B 113 -1.74 -4.99 -16.88
N GLY B 114 -2.95 -4.50 -17.07
CA GLY B 114 -3.12 -3.11 -17.47
C GLY B 114 -3.95 -3.07 -18.74
N PHE B 115 -4.29 -1.88 -19.21
CA PHE B 115 -5.10 -1.73 -20.42
C PHE B 115 -4.21 -1.78 -21.65
N ILE B 116 -3.80 -2.99 -22.02
CA ILE B 116 -2.92 -3.20 -23.17
C ILE B 116 -3.47 -2.76 -24.51
N ASP B 117 -4.77 -2.83 -24.68
CA ASP B 117 -5.38 -2.45 -25.94
C ASP B 117 -5.28 -0.96 -26.23
N ASP B 118 -4.70 -0.20 -25.30
CA ASP B 118 -4.56 1.25 -25.45
C ASP B 118 -3.11 1.69 -25.63
N LEU B 119 -2.22 0.72 -25.84
CA LEU B 119 -0.80 0.98 -26.02
C LEU B 119 -0.45 1.28 -27.46
N PRO B 120 0.67 1.97 -27.70
CA PRO B 120 1.13 2.31 -29.07
C PRO B 120 1.25 1.01 -29.86
N ASP B 121 0.81 1.04 -31.12
CA ASP B 121 0.84 -0.13 -31.99
C ASP B 121 2.07 -1.02 -31.93
N HIS B 122 3.25 -0.46 -32.19
CA HIS B 122 4.49 -1.23 -32.18
C HIS B 122 4.82 -1.86 -30.82
N THR B 123 4.29 -1.29 -29.75
CA THR B 123 4.52 -1.83 -28.41
C THR B 123 3.51 -2.94 -28.19
N LYS B 124 2.26 -2.69 -28.62
CA LYS B 124 1.20 -3.67 -28.47
C LYS B 124 1.54 -4.91 -29.30
N LYS B 125 2.23 -4.70 -30.41
CA LYS B 125 2.64 -5.77 -31.32
C LYS B 125 3.58 -6.74 -30.61
N ALA B 126 4.63 -6.19 -30.02
CA ALA B 126 5.63 -6.99 -29.32
C ALA B 126 5.00 -7.78 -28.20
N VAL B 127 4.11 -7.14 -27.47
CA VAL B 127 3.45 -7.82 -26.37
C VAL B 127 2.62 -9.00 -26.84
N LEU B 128 1.68 -8.75 -27.76
CA LEU B 128 0.82 -9.81 -28.28
C LEU B 128 1.59 -11.00 -28.81
N GLU B 129 2.71 -10.73 -29.48
CA GLU B 129 3.55 -11.77 -30.05
C GLU B 129 4.26 -12.60 -29.00
N ALA B 130 4.71 -11.94 -27.93
CA ALA B 130 5.41 -12.63 -26.86
C ALA B 130 4.45 -13.53 -26.09
N LYS B 131 3.25 -13.04 -25.84
CA LYS B 131 2.26 -13.83 -25.12
C LYS B 131 1.88 -15.05 -25.95
N GLU B 132 1.61 -14.83 -27.23
CA GLU B 132 1.22 -15.90 -28.13
C GLU B 132 2.26 -17.00 -28.20
N LYS B 133 3.52 -16.61 -28.36
CA LYS B 133 4.59 -17.58 -28.47
C LYS B 133 5.05 -18.22 -27.16
N THR B 134 4.56 -17.73 -26.02
CA THR B 134 4.96 -18.34 -24.75
C THR B 134 3.78 -18.86 -23.96
N LYS B 135 2.59 -18.76 -24.55
CA LYS B 135 1.36 -19.22 -23.89
C LYS B 135 1.33 -20.65 -23.41
N HIS B 136 2.22 -21.49 -23.91
CA HIS B 136 2.25 -22.89 -23.49
C HIS B 136 3.40 -23.23 -22.57
N ASN B 137 4.23 -22.25 -22.24
CA ASN B 137 5.34 -22.52 -21.34
C ASN B 137 4.81 -22.71 -19.93
N THR B 138 5.48 -23.56 -19.16
CA THR B 138 5.05 -23.87 -17.82
C THR B 138 6.03 -23.49 -16.71
N GLY B 139 7.02 -22.67 -17.05
CA GLY B 139 8.00 -22.26 -16.05
C GLY B 139 7.58 -20.97 -15.39
N LEU B 140 8.53 -20.08 -15.19
CA LEU B 140 8.27 -18.80 -14.56
C LEU B 140 7.40 -17.91 -15.44
N THR B 141 6.39 -17.30 -14.85
CA THR B 141 5.51 -16.40 -15.58
C THR B 141 6.03 -14.99 -15.35
N LEU B 142 6.48 -14.35 -16.43
CA LEU B 142 6.98 -12.99 -16.37
C LEU B 142 5.83 -12.08 -16.73
N VAL B 143 5.47 -11.20 -15.80
CA VAL B 143 4.35 -10.28 -16.01
C VAL B 143 4.79 -8.82 -16.08
N PHE B 144 4.39 -8.14 -17.15
CA PHE B 144 4.72 -6.73 -17.32
C PHE B 144 3.47 -5.90 -17.06
N ALA B 145 3.55 -4.96 -16.13
CA ALA B 145 2.42 -4.09 -15.84
C ALA B 145 2.53 -2.93 -16.82
N LEU B 146 1.66 -2.90 -17.81
CA LEU B 146 1.69 -1.85 -18.82
C LEU B 146 0.41 -1.03 -18.83
N ASN B 147 0.54 0.30 -18.78
CA ASN B 147 -0.62 1.19 -18.75
C ASN B 147 -1.51 0.69 -17.61
N TYR B 148 -0.87 0.43 -16.47
CA TYR B 148 -1.53 -0.08 -15.29
C TYR B 148 -1.61 0.92 -14.16
N GLY B 149 -2.68 0.80 -13.36
CA GLY B 149 -2.91 1.68 -12.23
C GLY B 149 -3.77 0.94 -11.21
N GLY B 150 -3.33 0.92 -9.96
CA GLY B 150 -4.06 0.25 -8.90
C GLY B 150 -5.50 0.70 -8.78
N ARG B 151 -5.69 2.00 -8.59
CA ARG B 151 -7.03 2.55 -8.43
C ARG B 151 -7.94 2.30 -9.63
N LYS B 152 -7.44 2.52 -10.83
CA LYS B 152 -8.25 2.28 -12.02
C LYS B 152 -8.61 0.81 -12.14
N GLU B 153 -7.70 -0.06 -11.72
CA GLU B 153 -7.96 -1.49 -11.76
C GLU B 153 -9.14 -1.79 -10.86
N ILE B 154 -9.13 -1.21 -9.66
CA ILE B 154 -10.21 -1.39 -8.70
C ILE B 154 -11.53 -0.90 -9.29
N ILE B 155 -11.50 0.31 -9.85
CA ILE B 155 -12.69 0.88 -10.46
C ILE B 155 -13.27 -0.02 -11.53
N SER B 156 -12.40 -0.63 -12.32
CA SER B 156 -12.85 -1.52 -13.38
C SER B 156 -13.56 -2.73 -12.81
N ALA B 157 -13.00 -3.28 -11.74
CA ALA B 157 -13.57 -4.44 -11.09
C ALA B 157 -14.94 -4.07 -10.54
N VAL B 158 -15.01 -2.92 -9.89
CA VAL B 158 -16.26 -2.48 -9.31
C VAL B 158 -17.33 -2.39 -10.40
N GLN B 159 -16.97 -1.83 -11.54
CA GLN B 159 -17.92 -1.70 -12.65
C GLN B 159 -18.46 -3.05 -13.08
N LEU B 160 -17.58 -4.03 -13.19
CA LEU B 160 -17.97 -5.38 -13.60
C LEU B 160 -18.91 -6.01 -12.58
N ILE B 161 -18.54 -5.88 -11.30
CA ILE B 161 -19.33 -6.44 -10.23
C ILE B 161 -20.71 -5.83 -10.22
N ALA B 162 -20.77 -4.51 -10.44
CA ALA B 162 -22.04 -3.80 -10.48
C ALA B 162 -22.89 -4.36 -11.60
N GLU B 163 -22.26 -4.63 -12.73
CA GLU B 163 -22.98 -5.19 -13.88
C GLU B 163 -23.65 -6.49 -13.50
N ARG B 164 -22.86 -7.43 -12.97
CA ARG B 164 -23.37 -8.73 -12.57
C ARG B 164 -24.47 -8.66 -11.52
N TYR B 165 -24.35 -7.74 -10.59
CA TYR B 165 -25.36 -7.61 -9.54
C TYR B 165 -26.70 -7.15 -10.11
N LYS B 166 -26.67 -6.10 -10.93
CA LYS B 166 -27.88 -5.57 -11.55
C LYS B 166 -28.54 -6.64 -12.41
N SER B 167 -27.75 -7.58 -12.92
CA SER B 167 -28.24 -8.67 -13.76
C SER B 167 -28.82 -9.84 -12.98
N GLY B 168 -28.53 -9.91 -11.69
CA GLY B 168 -29.03 -10.99 -10.87
C GLY B 168 -28.13 -12.20 -10.89
N GLU B 169 -26.95 -12.07 -11.49
CA GLU B 169 -25.98 -13.16 -11.55
C GLU B 169 -25.40 -13.45 -10.18
N ILE B 170 -25.31 -12.44 -9.33
CA ILE B 170 -24.78 -12.60 -7.96
C ILE B 170 -25.61 -11.89 -6.92
N SER B 171 -25.52 -12.36 -5.68
CA SER B 171 -26.23 -11.77 -4.56
C SER B 171 -25.28 -10.79 -3.88
N LEU B 172 -25.84 -9.86 -3.10
CA LEU B 172 -25.03 -8.87 -2.40
C LEU B 172 -24.08 -9.53 -1.41
N ASP B 173 -24.36 -10.79 -1.07
CA ASP B 173 -23.54 -11.54 -0.14
C ASP B 173 -22.28 -12.04 -0.80
N GLU B 174 -22.34 -12.20 -2.12
CA GLU B 174 -21.22 -12.70 -2.90
C GLU B 174 -20.15 -11.66 -3.16
N ILE B 175 -20.46 -10.40 -2.85
CA ILE B 175 -19.49 -9.34 -3.02
C ILE B 175 -18.63 -9.32 -1.77
N SER B 176 -17.69 -10.27 -1.71
CA SER B 176 -16.79 -10.41 -0.57
C SER B 176 -15.34 -10.24 -1.03
N GLU B 177 -14.42 -10.18 -0.08
CA GLU B 177 -13.01 -10.01 -0.45
C GLU B 177 -12.42 -11.31 -0.97
N THR B 178 -13.21 -12.37 -0.87
CA THR B 178 -12.79 -13.69 -1.33
C THR B 178 -13.02 -13.79 -2.84
N HIS B 179 -14.07 -13.14 -3.32
CA HIS B 179 -14.41 -13.14 -4.73
C HIS B 179 -13.92 -11.90 -5.48
N PHE B 180 -13.41 -10.91 -4.74
CA PHE B 180 -12.96 -9.69 -5.38
C PHE B 180 -11.77 -9.86 -6.31
N ASN B 181 -10.85 -10.73 -5.94
CA ASN B 181 -9.66 -10.96 -6.76
C ASN B 181 -10.03 -11.48 -8.14
N GLU B 182 -11.20 -12.08 -8.26
CA GLU B 182 -11.65 -12.63 -9.52
C GLU B 182 -11.94 -11.56 -10.58
N TYR B 183 -12.12 -10.33 -10.14
CA TYR B 183 -12.41 -9.24 -11.07
C TYR B 183 -11.22 -8.34 -11.35
N LEU B 184 -10.06 -8.69 -10.80
CA LEU B 184 -8.83 -7.92 -10.99
C LEU B 184 -8.01 -8.52 -12.13
N PHE B 185 -7.00 -7.77 -12.58
CA PHE B 185 -6.12 -8.23 -13.66
C PHE B 185 -5.31 -9.44 -13.20
N THR B 186 -5.04 -9.48 -11.91
CA THR B 186 -4.26 -10.55 -11.31
C THR B 186 -5.12 -11.72 -10.87
N ALA B 187 -6.27 -11.88 -11.52
CA ALA B 187 -7.20 -12.95 -11.17
C ALA B 187 -6.57 -14.33 -11.11
N ASN B 188 -5.76 -14.66 -12.10
CA ASN B 188 -5.15 -15.98 -12.15
C ASN B 188 -3.81 -16.12 -11.44
N MET B 189 -3.53 -15.22 -10.49
CA MET B 189 -2.25 -15.28 -9.80
C MET B 189 -2.31 -14.86 -8.34
N PRO B 190 -1.40 -15.40 -7.51
CA PRO B 190 -1.31 -15.10 -6.08
C PRO B 190 -0.75 -13.73 -5.77
N ASP B 191 -1.11 -13.23 -4.61
CA ASP B 191 -0.64 -11.93 -4.15
C ASP B 191 0.85 -12.04 -3.91
N PRO B 192 1.61 -10.99 -4.26
CA PRO B 192 3.07 -11.00 -4.05
C PRO B 192 3.42 -11.06 -2.57
N GLU B 193 4.31 -11.96 -2.20
CA GLU B 193 4.73 -12.05 -0.81
C GLU B 193 5.73 -10.95 -0.56
N LEU B 194 6.45 -10.58 -1.61
CA LEU B 194 7.48 -9.57 -1.53
C LEU B 194 7.38 -8.50 -2.60
N LEU B 195 7.49 -7.24 -2.17
CA LEU B 195 7.45 -6.11 -3.09
C LEU B 195 8.78 -5.38 -2.97
N ILE B 196 9.43 -5.13 -4.10
CA ILE B 196 10.71 -4.43 -4.11
C ILE B 196 10.66 -3.17 -4.95
N ARG B 197 11.32 -2.11 -4.47
CA ARG B 197 11.40 -0.87 -5.23
C ARG B 197 12.85 -0.40 -5.21
N THR B 198 13.34 0.03 -6.36
CA THR B 198 14.71 0.49 -6.49
C THR B 198 14.81 2.01 -6.41
N SER B 199 16.02 2.53 -6.63
CA SER B 199 16.29 3.96 -6.62
C SER B 199 15.93 4.69 -5.32
N GLY B 200 15.94 3.95 -4.21
CA GLY B 200 15.62 4.53 -2.92
C GLY B 200 14.12 4.65 -2.66
N GLU B 201 13.48 5.61 -3.33
CA GLU B 201 12.04 5.91 -3.25
C GLU B 201 11.20 4.94 -2.45
N GLU B 202 10.41 5.48 -1.53
CA GLU B 202 9.56 4.66 -0.67
C GLU B 202 8.08 4.98 -0.80
N ARG B 203 7.53 4.67 -1.97
CA ARG B 203 6.13 4.89 -2.27
C ARG B 203 5.65 3.66 -3.02
N LEU B 204 4.34 3.47 -3.07
CA LEU B 204 3.75 2.35 -3.77
C LEU B 204 3.48 2.77 -5.20
N SER B 205 3.27 4.06 -5.39
CA SER B 205 2.99 4.65 -6.69
C SER B 205 1.80 4.04 -7.39
N ASN B 206 0.73 3.79 -6.62
CA ASN B 206 -0.51 3.27 -7.19
C ASN B 206 -0.32 1.92 -7.89
N PHE B 207 0.57 1.09 -7.36
CA PHE B 207 0.86 -0.21 -7.95
C PHE B 207 0.43 -1.37 -7.06
N LEU B 208 -0.41 -2.26 -7.60
CA LEU B 208 -0.89 -3.44 -6.87
C LEU B 208 -1.47 -3.10 -5.50
N ILE B 209 -2.32 -2.08 -5.49
CA ILE B 209 -2.97 -1.59 -4.30
C ILE B 209 -3.60 -2.68 -3.43
N TRP B 210 -4.55 -3.42 -4.00
CA TRP B 210 -5.24 -4.50 -3.29
C TRP B 210 -4.37 -5.71 -3.05
N GLN B 211 -3.61 -6.09 -4.06
CA GLN B 211 -2.75 -7.27 -3.99
C GLN B 211 -1.62 -7.23 -2.98
N CYS B 212 -1.01 -6.08 -2.78
CA CYS B 212 0.09 -5.97 -1.82
C CYS B 212 -0.30 -5.49 -0.45
N SER B 213 -1.55 -5.69 -0.07
CA SER B 213 -2.04 -5.26 1.24
C SER B 213 -1.35 -5.90 2.45
N TYR B 214 -0.69 -7.04 2.25
CA TYR B 214 0.03 -7.73 3.32
C TYR B 214 1.47 -8.04 2.94
N SER B 215 1.89 -7.59 1.75
CA SER B 215 3.23 -7.85 1.26
C SER B 215 4.34 -7.20 2.05
N GLU B 216 5.52 -7.79 1.96
CA GLU B 216 6.71 -7.27 2.63
C GLU B 216 7.32 -6.28 1.64
N PHE B 217 7.59 -5.06 2.08
CA PHE B 217 8.18 -4.06 1.20
C PHE B 217 9.66 -3.94 1.46
N VAL B 218 10.46 -4.06 0.41
CA VAL B 218 11.89 -3.92 0.56
C VAL B 218 12.36 -2.83 -0.38
N PHE B 219 12.88 -1.76 0.19
CA PHE B 219 13.36 -0.62 -0.58
C PHE B 219 14.87 -0.56 -0.54
N ILE B 220 15.48 -0.56 -1.71
CA ILE B 220 16.94 -0.51 -1.82
C ILE B 220 17.29 0.76 -2.58
N ASP B 221 18.45 1.34 -2.25
CA ASP B 221 18.90 2.56 -2.88
C ASP B 221 19.45 2.44 -4.30
N GLU B 222 19.92 1.25 -4.67
CA GLU B 222 20.48 1.10 -6.01
C GLU B 222 19.51 1.26 -7.17
N PHE B 223 20.00 1.92 -8.22
CA PHE B 223 19.22 2.16 -9.42
C PHE B 223 19.05 0.83 -10.15
N TRP B 224 18.03 0.74 -10.99
CA TRP B 224 17.76 -0.50 -11.71
C TRP B 224 18.97 -1.15 -12.43
N PRO B 225 19.71 -0.40 -13.25
CA PRO B 225 20.85 -1.00 -13.94
C PRO B 225 21.90 -1.65 -13.07
N ASP B 226 21.93 -1.30 -11.78
CA ASP B 226 22.91 -1.88 -10.87
C ASP B 226 22.34 -3.04 -10.07
N PHE B 227 21.04 -3.24 -10.17
CA PHE B 227 20.36 -4.33 -9.48
C PHE B 227 20.82 -5.63 -10.14
N ASN B 228 21.27 -6.58 -9.34
CA ASN B 228 21.72 -7.84 -9.89
C ASN B 228 21.26 -9.03 -9.06
N GLU B 229 21.77 -10.21 -9.40
CA GLU B 229 21.41 -11.44 -8.71
C GLU B 229 21.66 -11.32 -7.21
N GLU B 230 22.87 -10.90 -6.85
CA GLU B 230 23.24 -10.75 -5.44
C GLU B 230 22.25 -9.82 -4.74
N SER B 231 21.96 -8.70 -5.38
CA SER B 231 21.04 -7.71 -4.86
C SER B 231 19.66 -8.33 -4.59
N LEU B 232 19.21 -9.22 -5.48
CA LEU B 232 17.92 -9.87 -5.31
C LEU B 232 17.93 -10.85 -4.14
N ALA B 233 19.06 -11.53 -3.95
CA ALA B 233 19.18 -12.49 -2.86
C ALA B 233 19.04 -11.78 -1.51
N GLN B 234 19.63 -10.59 -1.41
CA GLN B 234 19.56 -9.84 -0.16
C GLN B 234 18.13 -9.51 0.20
N CYS B 235 17.33 -9.16 -0.80
CA CYS B 235 15.94 -8.82 -0.58
C CYS B 235 15.19 -10.02 -0.04
N ILE B 236 15.39 -11.17 -0.68
CA ILE B 236 14.76 -12.42 -0.26
C ILE B 236 15.24 -12.82 1.13
N SER B 237 16.52 -12.63 1.38
CA SER B 237 17.11 -12.95 2.67
C SER B 237 16.34 -12.18 3.74
N ILE B 238 16.15 -10.89 3.49
CA ILE B 238 15.43 -10.00 4.40
C ILE B 238 14.01 -10.51 4.61
N TYR B 239 13.34 -10.84 3.51
CA TYR B 239 11.96 -11.35 3.59
C TYR B 239 11.91 -12.59 4.47
N GLN B 240 12.84 -13.51 4.23
CA GLN B 240 12.92 -14.74 4.98
C GLN B 240 13.25 -14.49 6.43
N ASN B 241 14.31 -13.73 6.67
CA ASN B 241 14.73 -13.43 8.03
C ASN B 241 13.91 -12.31 8.67
N ARG B 242 12.59 -12.49 8.65
CA ARG B 242 11.66 -11.54 9.23
C ARG B 242 10.22 -12.06 9.16
S SO4 C . 3.48 -6.45 19.73
O1 SO4 C . 4.97 -6.91 20.18
O2 SO4 C . 3.04 -5.51 20.77
O3 SO4 C . 3.52 -5.91 18.52
O4 SO4 C . 2.69 -7.69 19.86
S SO4 D . 14.75 7.44 -13.95
O1 SO4 D . 13.64 6.71 -12.99
O2 SO4 D . 14.28 8.83 -14.06
O3 SO4 D . 15.96 7.35 -13.40
O4 SO4 D . 14.59 6.75 -15.26
#